data_2O08
#
_entry.id   2O08
#
_cell.length_a   86.830
_cell.length_b   166.510
_cell.length_c   73.410
_cell.angle_alpha   90.000
_cell.angle_beta   90.000
_cell.angle_gamma   90.000
#
_symmetry.space_group_name_H-M   'C 2 2 21'
#
loop_
_entity.id
_entity.type
_entity.pdbx_description
1 polymer 'BH1327 protein'
2 non-polymer 'FE (III) ION'
3 non-polymer 'PHOSPHATE ION'
4 non-polymer 'UNKNOWN LIGAND'
5 non-polymer 'TETRAETHYLENE GLYCOL'
6 non-polymer 'NITRATE ION'
7 non-polymer "2'-DEOXYGUANOSINE-5'-DIPHOSPHATE"
8 water water
#
_entity_poly.entity_id   1
_entity_poly.type   'polypeptide(L)'
_entity_poly.pdbx_seq_one_letter_code
;G(MSE)NRGKALQLVKPHLTEHRYQHTIGV(MSE)ETAIDLAKLYGADQQKAELAAIFHDYAKFRDKNE(MSE)RTLIRE
KLSQQDILFYGDELLHAPCGAYYVREEVGIEDEDVLQAIRFHTTGRPN(MSE)SLLEKIIFLADYIEPNRQFPGVEKVRT
QAKTDLNGAIISSLVNTITFLLKKNQPIYPDTLATYNQLLLEQK
;
_entity_poly.pdbx_strand_id   A,B
#
loop_
_chem_comp.id
_chem_comp.type
_chem_comp.name
_chem_comp.formula
DGI DNA linking 2'-DEOXYGUANOSINE-5'-DIPHOSPHATE 'C10 H15 N5 O10 P2'
FE non-polymer 'FE (III) ION' 'Fe 3'
NO3 non-polymer 'NITRATE ION' 'N O3 -1'
PG4 non-polymer 'TETRAETHYLENE GLYCOL' 'C8 H18 O5'
PO4 non-polymer 'PHOSPHATE ION' 'O4 P -3'
UNL non-polymer 'UNKNOWN LIGAND' ?
#
# COMPACT_ATOMS: atom_id res chain seq x y z
N GLY A 1 -20.91 -7.62 30.38
CA GLY A 1 -19.60 -6.95 30.53
C GLY A 1 -19.58 -5.84 31.55
N MSE A 2 -18.38 -5.33 31.79
CA MSE A 2 -18.17 -4.24 32.73
C MSE A 2 -18.96 -3.04 32.24
O MSE A 2 -18.99 -2.78 31.05
CB MSE A 2 -16.68 -3.89 32.75
CG MSE A 2 -16.28 -2.84 33.70
SE MSE A 2 -14.38 -2.63 33.74
CE MSE A 2 -13.82 -4.40 34.40
N ASN A 3 -19.55 -2.28 33.16
CA ASN A 3 -20.33 -1.13 32.79
C ASN A 3 -19.45 0.09 32.54
N ARG A 4 -20.05 1.13 31.96
CA ARG A 4 -19.33 2.32 31.54
C ARG A 4 -18.54 2.94 32.68
N GLY A 5 -19.23 3.19 33.80
CA GLY A 5 -18.61 3.77 34.99
C GLY A 5 -17.38 3.03 35.48
N LYS A 6 -17.45 1.71 35.57
CA LYS A 6 -16.29 0.94 36.05
C LYS A 6 -15.20 0.98 35.00
N ALA A 7 -15.59 0.80 33.73
CA ALA A 7 -14.59 0.83 32.64
C ALA A 7 -13.84 2.16 32.63
N LEU A 8 -14.58 3.26 32.71
CA LEU A 8 -13.94 4.56 32.75
C LEU A 8 -13.10 4.75 33.99
N GLN A 9 -13.53 4.21 35.12
CA GLN A 9 -12.73 4.35 36.34
C GLN A 9 -11.36 3.69 36.16
N LEU A 10 -11.28 2.63 35.38
CA LEU A 10 -9.99 1.97 35.16
C LEU A 10 -9.04 2.68 34.19
N VAL A 11 -9.56 3.40 33.19
CA VAL A 11 -8.72 4.14 32.23
C VAL A 11 -8.37 5.60 32.64
N LYS A 12 -9.30 6.26 33.32
CA LYS A 12 -9.13 7.68 33.71
C LYS A 12 -7.82 8.08 34.35
N PRO A 13 -7.30 7.27 35.28
CA PRO A 13 -6.03 7.71 35.91
C PRO A 13 -4.84 7.96 34.96
N HIS A 14 -4.91 7.47 33.72
CA HIS A 14 -3.83 7.63 32.75
C HIS A 14 -4.28 8.36 31.52
N LEU A 15 -5.30 9.21 31.70
CA LEU A 15 -5.85 10.00 30.61
C LEU A 15 -5.70 11.48 30.95
N THR A 16 -5.01 12.24 30.12
CA THR A 16 -5.08 13.71 30.21
C THR A 16 -6.49 14.11 29.75
N GLU A 17 -6.82 15.39 29.90
CA GLU A 17 -8.14 15.85 29.44
C GLU A 17 -8.38 15.59 27.96
N HIS A 18 -7.37 15.82 27.12
CA HIS A 18 -7.55 15.54 25.70
C HIS A 18 -7.76 14.07 25.47
N ARG A 19 -7.00 13.23 26.14
CA ARG A 19 -7.18 11.79 25.95
C ARG A 19 -8.52 11.31 26.53
N TYR A 20 -8.99 11.96 27.59
CA TYR A 20 -10.28 11.60 28.15
C TYR A 20 -11.36 11.93 27.12
N GLN A 21 -11.29 13.14 26.56
CA GLN A 21 -12.24 13.51 25.50
C GLN A 21 -12.19 12.59 24.29
N HIS A 22 -10.99 12.15 23.91
CA HIS A 22 -10.87 11.14 22.86
C HIS A 22 -11.65 9.87 23.19
N THR A 23 -11.52 9.39 24.44
CA THR A 23 -12.14 8.14 24.87
C THR A 23 -13.65 8.21 24.79
N ILE A 24 -14.19 9.27 25.33
CA ILE A 24 -15.63 9.53 25.32
C ILE A 24 -16.12 9.66 23.88
N GLY A 25 -15.34 10.37 23.04
CA GLY A 25 -15.71 10.54 21.64
C GLY A 25 -15.76 9.22 20.93
N VAL A 26 -14.72 8.41 21.12
CA VAL A 26 -14.70 7.05 20.47
C VAL A 26 -15.88 6.19 20.97
N MSE A 27 -16.09 6.22 22.28
CA MSE A 27 -17.15 5.48 22.95
C MSE A 27 -18.50 5.87 22.40
O MSE A 27 -19.28 4.98 22.00
CB MSE A 27 -17.11 5.73 24.43
CG MSE A 27 -18.19 4.96 25.25
SE MSE A 27 -18.26 5.69 27.03
CE MSE A 27 -19.00 7.42 26.71
N GLU A 28 -18.80 7.15 22.32
CA GLU A 28 -20.13 7.58 21.80
C GLU A 28 -20.34 7.31 20.31
N THR A 29 -19.31 7.55 19.53
CA THR A 29 -19.32 7.27 18.10
C THR A 29 -19.50 5.77 17.87
N ALA A 30 -18.81 4.97 18.64
CA ALA A 30 -18.92 3.52 18.51
C ALA A 30 -20.35 3.06 18.81
N ILE A 31 -20.96 3.62 19.87
CA ILE A 31 -22.33 3.25 20.23
C ILE A 31 -23.28 3.58 19.10
N ASP A 32 -23.12 4.77 18.54
CA ASP A 32 -23.98 5.25 17.45
C ASP A 32 -23.84 4.41 16.19
N LEU A 33 -22.61 4.05 15.84
CA LEU A 33 -22.35 3.15 14.75
C LEU A 33 -22.89 1.76 15.03
N ALA A 34 -22.79 1.29 16.28
CA ALA A 34 -23.39 -0.02 16.64
C ALA A 34 -24.90 0.00 16.43
N LYS A 35 -25.54 1.09 16.90
CA LYS A 35 -26.98 1.28 16.78
CA LYS A 35 -26.97 1.21 16.79
C LYS A 35 -27.30 1.26 15.30
N LEU A 36 -26.55 2.04 14.55
CA LEU A 36 -26.80 2.20 13.13
C LEU A 36 -26.66 0.91 12.34
N TYR A 37 -25.63 0.12 12.64
CA TYR A 37 -25.31 -1.08 11.85
C TYR A 37 -25.68 -2.41 12.48
N GLY A 38 -26.43 -2.38 13.58
CA GLY A 38 -26.88 -3.59 14.25
C GLY A 38 -25.82 -4.42 14.96
N ALA A 39 -24.80 -3.75 15.48
CA ALA A 39 -23.79 -4.42 16.29
C ALA A 39 -24.21 -4.30 17.75
N ASP A 40 -23.52 -5.06 18.59
CA ASP A 40 -23.72 -5.04 20.04
C ASP A 40 -23.17 -3.74 20.62
N GLN A 41 -24.06 -2.89 21.11
CA GLN A 41 -23.67 -1.57 21.58
C GLN A 41 -22.91 -1.60 22.89
N GLN A 42 -23.10 -2.65 23.71
CA GLN A 42 -22.38 -2.79 24.98
C GLN A 42 -20.96 -3.20 24.69
N LYS A 43 -20.77 -4.15 23.78
CA LYS A 43 -19.40 -4.54 23.38
C LYS A 43 -18.71 -3.38 22.68
N ALA A 44 -19.44 -2.66 21.82
CA ALA A 44 -18.91 -1.43 21.18
C ALA A 44 -18.40 -0.45 22.25
N GLU A 45 -19.26 -0.18 23.23
CA GLU A 45 -18.91 0.75 24.34
C GLU A 45 -17.66 0.35 25.09
N LEU A 46 -17.62 -0.92 25.47
CA LEU A 46 -16.51 -1.47 26.25
C LEU A 46 -15.18 -1.46 25.47
N ALA A 47 -15.23 -1.95 24.23
CA ALA A 47 -14.05 -1.94 23.35
C ALA A 47 -13.53 -0.54 23.11
N ALA A 48 -14.46 0.40 22.92
CA ALA A 48 -14.11 1.83 22.77
C ALA A 48 -13.43 2.42 23.98
N ILE A 49 -13.96 2.17 25.17
CA ILE A 49 -13.35 2.70 26.40
C ILE A 49 -11.93 2.18 26.55
N PHE A 50 -11.72 0.91 26.24
CA PHE A 50 -10.38 0.31 26.39
C PHE A 50 -9.49 0.27 25.19
N HIS A 51 -9.93 0.77 24.02
CA HIS A 51 -9.13 0.57 22.79
C HIS A 51 -7.66 1.06 22.89
N ASP A 52 -7.45 2.14 23.62
CA ASP A 52 -6.12 2.75 23.79
C ASP A 52 -5.51 2.53 25.15
N TYR A 53 -5.95 1.47 25.82
CA TYR A 53 -5.43 1.11 27.13
C TYR A 53 -3.90 1.12 27.23
N ALA A 54 -3.21 0.60 26.22
CA ALA A 54 -1.74 0.48 26.25
C ALA A 54 -0.99 1.64 25.55
N LYS A 55 -1.70 2.69 25.14
CA LYS A 55 -1.07 3.78 24.37
C LYS A 55 0.19 4.30 25.06
N PHE A 56 0.13 4.48 26.36
CA PHE A 56 1.23 5.13 27.07
C PHE A 56 2.01 4.18 27.90
N ARG A 57 1.93 2.89 27.57
CA ARG A 57 2.73 1.90 28.24
C ARG A 57 4.14 1.94 27.71
N ASP A 58 5.06 1.36 28.47
CA ASP A 58 6.47 1.37 28.11
C ASP A 58 6.67 0.65 26.78
N LYS A 59 7.23 1.37 25.81
CA LYS A 59 7.45 0.81 24.47
C LYS A 59 8.43 -0.38 24.43
N ASN A 60 9.44 -0.41 25.28
CA ASN A 60 10.36 -1.57 25.30
C ASN A 60 9.68 -2.84 25.82
N GLU A 61 8.91 -2.72 26.89
CA GLU A 61 8.10 -3.84 27.39
C GLU A 61 7.15 -4.34 26.30
N MSE A 62 6.57 -3.41 25.54
CA MSE A 62 5.64 -3.78 24.48
C MSE A 62 6.35 -4.54 23.36
O MSE A 62 5.87 -5.56 22.90
CB MSE A 62 4.88 -2.57 23.97
CG MSE A 62 3.80 -2.08 24.99
SE MSE A 62 2.40 -1.03 24.28
CE MSE A 62 3.30 0.57 23.97
N ARG A 63 7.50 -4.05 22.93
CA ARG A 63 8.31 -4.75 21.93
C ARG A 63 8.68 -6.15 22.38
N THR A 64 9.01 -6.28 23.66
CA THR A 64 9.36 -7.56 24.26
C THR A 64 8.15 -8.49 24.29
N LEU A 65 6.97 -7.96 24.63
CA LEU A 65 5.74 -8.72 24.64
C LEU A 65 5.43 -9.25 23.23
N ILE A 66 5.58 -8.40 22.23
CA ILE A 66 5.38 -8.83 20.84
C ILE A 66 6.33 -10.00 20.54
N ARG A 67 7.61 -9.82 20.85
CA ARG A 67 8.62 -10.88 20.68
C ARG A 67 8.34 -12.18 21.45
N GLU A 68 8.14 -12.05 22.75
CA GLU A 68 8.01 -13.23 23.63
C GLU A 68 6.65 -13.90 23.56
N LYS A 69 5.58 -13.13 23.73
CA LYS A 69 4.24 -13.71 23.89
C LYS A 69 3.32 -13.70 22.68
N LEU A 70 3.51 -12.79 21.72
CA LEU A 70 2.51 -12.63 20.63
C LEU A 70 2.91 -13.24 19.28
N SER A 71 1.91 -13.37 18.40
CA SER A 71 2.04 -13.99 17.04
C SER A 71 2.80 -13.12 16.00
N GLN A 72 2.24 -11.97 15.63
CA GLN A 72 2.79 -11.10 14.57
C GLN A 72 4.09 -10.30 14.94
N GLN A 73 5.26 -10.84 14.60
CA GLN A 73 6.56 -10.19 14.90
C GLN A 73 6.89 -9.07 13.91
N ASP A 74 6.36 -9.17 12.69
CA ASP A 74 6.68 -8.24 11.62
C ASP A 74 6.23 -6.81 11.95
N ILE A 75 5.27 -6.68 12.86
CA ILE A 75 4.75 -5.38 13.28
C ILE A 75 5.87 -4.49 13.79
N LEU A 76 6.91 -5.07 14.38
CA LEU A 76 8.04 -4.31 14.92
C LEU A 76 8.88 -3.55 13.91
N PHE A 77 8.68 -3.82 12.62
CA PHE A 77 9.38 -3.11 11.54
C PHE A 77 8.66 -1.87 11.01
N TYR A 78 7.40 -1.66 11.42
CA TYR A 78 6.56 -0.63 10.81
C TYR A 78 6.07 0.53 11.72
N GLY A 79 6.78 0.83 12.78
CA GLY A 79 6.49 2.03 13.58
C GLY A 79 5.89 1.79 14.95
N ASP A 80 6.35 2.56 15.93
CA ASP A 80 5.93 2.42 17.32
C ASP A 80 4.43 2.54 17.56
N GLU A 81 3.71 3.18 16.64
CA GLU A 81 2.27 3.38 16.77
C GLU A 81 1.49 2.07 16.67
N LEU A 82 2.09 1.02 16.10
CA LEU A 82 1.40 -0.26 15.90
C LEU A 82 1.47 -1.19 17.11
N LEU A 83 2.20 -0.77 18.15
CA LEU A 83 2.40 -1.57 19.34
C LEU A 83 1.17 -1.63 20.24
N HIS A 84 0.53 -0.50 20.48
CA HIS A 84 -0.44 -0.41 21.55
C HIS A 84 -1.73 -1.17 21.34
N ALA A 85 -2.14 -1.38 20.08
CA ALA A 85 -3.38 -2.15 19.82
C ALA A 85 -3.27 -3.63 20.23
N PRO A 86 -2.31 -4.38 19.63
CA PRO A 86 -2.17 -5.78 20.02
C PRO A 86 -1.74 -5.98 21.48
N CYS A 87 -0.90 -5.10 22.00
CA CYS A 87 -0.44 -5.21 23.38
C CYS A 87 -1.55 -4.83 24.33
N GLY A 88 -2.29 -3.79 23.97
CA GLY A 88 -3.50 -3.39 24.70
C GLY A 88 -4.51 -4.53 24.76
N ALA A 89 -4.74 -5.23 23.66
CA ALA A 89 -5.65 -6.38 23.69
C ALA A 89 -5.12 -7.41 24.70
N TYR A 90 -3.81 -7.62 24.70
CA TYR A 90 -3.18 -8.56 25.61
C TYR A 90 -3.34 -8.10 27.07
N TYR A 91 -3.02 -6.85 27.33
CA TYR A 91 -3.06 -6.33 28.70
C TYR A 91 -4.45 -6.26 29.29
N VAL A 92 -5.43 -5.83 28.49
CA VAL A 92 -6.83 -5.81 28.92
C VAL A 92 -7.30 -7.21 29.36
N ARG A 93 -6.94 -8.27 28.62
CA ARG A 93 -7.32 -9.63 29.01
CA ARG A 93 -7.30 -9.62 28.99
C ARG A 93 -6.61 -10.03 30.30
N GLU A 94 -5.30 -9.83 30.34
CA GLU A 94 -4.48 -10.26 31.47
C GLU A 94 -4.65 -9.44 32.72
N GLU A 95 -4.86 -8.15 32.60
CA GLU A 95 -4.88 -7.26 33.74
C GLU A 95 -6.26 -6.92 34.17
N VAL A 96 -7.12 -6.60 33.21
CA VAL A 96 -8.50 -6.24 33.51
C VAL A 96 -9.41 -7.48 33.57
N GLY A 97 -9.00 -8.58 32.94
CA GLY A 97 -9.79 -9.80 32.99
C GLY A 97 -10.91 -9.90 31.96
N ILE A 98 -10.88 -9.05 30.95
CA ILE A 98 -11.88 -9.10 29.88
C ILE A 98 -11.49 -10.21 28.94
N GLU A 99 -12.34 -11.24 28.80
CA GLU A 99 -12.07 -12.37 27.93
C GLU A 99 -13.01 -12.42 26.70
N ASP A 100 -13.81 -11.38 26.48
CA ASP A 100 -14.72 -11.35 25.35
C ASP A 100 -13.85 -11.18 24.10
N GLU A 101 -13.74 -12.23 23.29
CA GLU A 101 -12.89 -12.22 22.09
C GLU A 101 -13.28 -11.18 21.04
N ASP A 102 -14.56 -10.90 20.95
CA ASP A 102 -15.04 -9.87 20.03
C ASP A 102 -14.49 -8.50 20.45
N VAL A 103 -14.60 -8.18 21.75
CA VAL A 103 -14.09 -6.91 22.28
C VAL A 103 -12.57 -6.85 22.08
N LEU A 104 -11.88 -7.92 22.44
CA LEU A 104 -10.42 -7.94 22.38
C LEU A 104 -9.91 -7.79 20.95
N GLN A 105 -10.55 -8.47 19.97
CA GLN A 105 -10.17 -8.32 18.53
C GLN A 105 -10.37 -6.90 18.07
N ALA A 106 -11.48 -6.30 18.48
CA ALA A 106 -11.74 -4.90 18.10
C ALA A 106 -10.63 -4.00 18.61
N ILE A 107 -10.11 -4.28 19.81
CA ILE A 107 -9.03 -3.50 20.34
C ILE A 107 -7.76 -3.78 19.52
N ARG A 108 -7.49 -5.06 19.27
CA ARG A 108 -6.28 -5.53 18.60
C ARG A 108 -6.07 -4.93 17.23
N PHE A 109 -7.15 -4.77 16.46
CA PHE A 109 -7.03 -4.34 15.06
C PHE A 109 -7.42 -2.91 14.77
N HIS A 110 -7.54 -2.10 15.82
CA HIS A 110 -8.12 -0.76 15.63
C HIS A 110 -7.18 0.20 14.96
N THR A 111 -5.87 -0.06 15.07
CA THR A 111 -4.86 0.82 14.46
C THR A 111 -4.56 0.42 12.99
N THR A 112 -4.28 -0.86 12.74
CA THR A 112 -3.85 -1.29 11.43
C THR A 112 -5.00 -1.76 10.53
N GLY A 113 -6.08 -2.24 11.14
CA GLY A 113 -7.15 -2.92 10.40
C GLY A 113 -6.63 -4.30 10.07
N ARG A 114 -7.51 -5.12 9.49
CA ARG A 114 -7.15 -6.35 8.85
C ARG A 114 -8.18 -6.62 7.74
N PRO A 115 -7.81 -7.39 6.71
CA PRO A 115 -8.86 -7.84 5.80
C PRO A 115 -9.88 -8.72 6.56
N ASN A 116 -11.14 -8.55 6.19
CA ASN A 116 -12.23 -9.34 6.71
C ASN A 116 -12.43 -9.09 8.22
N MSE A 117 -12.48 -7.82 8.59
CA MSE A 117 -12.84 -7.43 9.96
C MSE A 117 -14.29 -7.80 10.25
O MSE A 117 -15.15 -7.67 9.38
CB MSE A 117 -12.70 -5.94 10.15
CG MSE A 117 -11.24 -5.54 10.42
SE MSE A 117 -11.00 -3.68 10.82
CE MSE A 117 -11.24 -2.86 9.10
N SER A 118 -14.55 -8.26 11.47
CA SER A 118 -15.91 -8.35 12.02
C SER A 118 -16.52 -6.95 12.04
N LEU A 119 -17.85 -6.87 12.15
CA LEU A 119 -18.52 -5.55 12.25
C LEU A 119 -18.04 -4.72 13.45
N LEU A 120 -17.82 -5.37 14.59
CA LEU A 120 -17.36 -4.67 15.78
C LEU A 120 -15.91 -4.14 15.57
N GLU A 121 -15.02 -4.93 14.97
CA GLU A 121 -13.68 -4.41 14.60
C GLU A 121 -13.77 -3.14 13.70
N LYS A 122 -14.66 -3.19 12.70
CA LYS A 122 -14.87 -2.06 11.79
C LYS A 122 -15.37 -0.82 12.54
N ILE A 123 -16.31 -1.03 13.44
CA ILE A 123 -16.90 0.08 14.21
C ILE A 123 -15.83 0.78 15.08
N ILE A 124 -14.99 -0.01 15.76
CA ILE A 124 -13.94 0.57 16.61
C ILE A 124 -12.84 1.24 15.78
N PHE A 125 -12.40 0.59 14.71
CA PHE A 125 -11.46 1.17 13.79
C PHE A 125 -11.94 2.54 13.32
N LEU A 126 -13.15 2.55 12.80
CA LEU A 126 -13.71 3.79 12.26
C LEU A 126 -14.01 4.84 13.31
N ALA A 127 -14.55 4.41 14.45
CA ALA A 127 -14.92 5.32 15.56
C ALA A 127 -13.70 6.10 16.03
N ASP A 128 -12.55 5.45 16.04
CA ASP A 128 -11.28 6.06 16.42
C ASP A 128 -10.90 7.17 15.48
N TYR A 129 -11.20 6.94 14.21
CA TYR A 129 -10.83 7.85 13.16
C TYR A 129 -11.74 9.06 13.05
N ILE A 130 -13.06 8.85 13.19
CA ILE A 130 -14.02 9.93 12.99
C ILE A 130 -14.62 10.55 14.27
N GLU A 131 -14.14 10.15 15.46
CA GLU A 131 -14.71 10.71 16.70
C GLU A 131 -14.61 12.24 16.64
N PRO A 132 -15.54 12.95 17.29
CA PRO A 132 -15.72 14.38 16.99
C PRO A 132 -14.50 15.27 17.24
N ASN A 133 -13.57 14.87 18.11
CA ASN A 133 -12.37 15.70 18.38
C ASN A 133 -11.28 15.58 17.32
N ARG A 134 -11.40 14.62 16.42
CA ARG A 134 -10.39 14.42 15.39
C ARG A 134 -10.55 15.48 14.30
N GLN A 135 -9.43 16.05 13.85
CA GLN A 135 -9.46 17.16 12.89
C GLN A 135 -8.64 16.90 11.66
N PHE A 136 -8.34 15.63 11.38
CA PHE A 136 -7.57 15.31 10.18
CA PHE A 136 -7.60 15.26 10.17
C PHE A 136 -8.33 15.84 8.93
N PRO A 137 -7.57 16.31 7.89
CA PRO A 137 -8.22 16.82 6.67
C PRO A 137 -9.11 15.86 5.91
N GLY A 138 -10.35 16.26 5.64
CA GLY A 138 -11.34 15.40 4.94
C GLY A 138 -12.31 14.65 5.85
N VAL A 139 -12.07 14.71 7.16
CA VAL A 139 -12.86 13.98 8.18
C VAL A 139 -14.35 14.15 8.07
N GLU A 140 -14.79 15.34 7.70
CA GLU A 140 -16.21 15.67 7.63
C GLU A 140 -16.91 14.80 6.59
N LYS A 141 -16.26 14.61 5.44
CA LYS A 141 -16.78 13.74 4.40
C LYS A 141 -16.86 12.29 4.90
N VAL A 142 -15.83 11.87 5.61
CA VAL A 142 -15.76 10.50 6.14
C VAL A 142 -16.92 10.29 7.17
N ARG A 143 -17.14 11.26 8.03
CA ARG A 143 -18.24 11.20 9.00
C ARG A 143 -19.61 11.07 8.37
N THR A 144 -19.83 11.82 7.29
CA THR A 144 -21.07 11.74 6.55
C THR A 144 -21.20 10.36 5.89
N GLN A 145 -20.12 9.94 5.24
CA GLN A 145 -20.10 8.64 4.58
C GLN A 145 -20.47 7.47 5.51
N ALA A 146 -20.00 7.59 6.75
CA ALA A 146 -20.15 6.61 7.80
C ALA A 146 -21.63 6.37 8.17
N LYS A 147 -22.43 7.40 8.00
CA LYS A 147 -23.86 7.31 8.30
C LYS A 147 -24.61 6.33 7.39
N THR A 148 -24.03 6.07 6.23
CA THR A 148 -24.63 5.19 5.25
C THR A 148 -23.75 4.07 4.73
N ASP A 149 -22.43 4.28 4.67
CA ASP A 149 -21.54 3.35 4.01
C ASP A 149 -20.34 3.12 4.88
N LEU A 150 -20.44 2.13 5.77
CA LEU A 150 -19.36 1.83 6.73
C LEU A 150 -18.07 1.45 6.01
N ASN A 151 -18.15 0.52 5.07
CA ASN A 151 -16.96 0.06 4.35
C ASN A 151 -16.30 1.19 3.55
N GLY A 152 -17.14 2.03 2.95
CA GLY A 152 -16.66 3.20 2.22
C GLY A 152 -15.97 4.22 3.12
N ALA A 153 -16.55 4.50 4.29
CA ALA A 153 -15.88 5.40 5.26
C ALA A 153 -14.53 4.84 5.69
N ILE A 154 -14.48 3.54 5.89
CA ILE A 154 -13.22 2.89 6.29
C ILE A 154 -12.24 2.98 5.16
N ILE A 155 -12.70 2.79 3.91
CA ILE A 155 -11.80 2.98 2.75
C ILE A 155 -11.21 4.40 2.70
N SER A 156 -12.08 5.40 2.84
CA SER A 156 -11.65 6.79 2.86
C SER A 156 -10.64 7.08 3.95
N SER A 157 -10.82 6.48 5.12
CA SER A 157 -9.91 6.71 6.22
CA SER A 157 -9.91 6.69 6.24
C SER A 157 -8.52 6.13 5.91
N LEU A 158 -8.49 4.91 5.38
CA LEU A 158 -7.27 4.22 4.97
C LEU A 158 -6.54 5.01 3.87
N VAL A 159 -7.29 5.52 2.90
CA VAL A 159 -6.74 6.37 1.84
C VAL A 159 -5.99 7.56 2.48
N ASN A 160 -6.65 8.27 3.40
CA ASN A 160 -6.01 9.43 4.03
CA ASN A 160 -6.03 9.42 4.12
C ASN A 160 -4.79 8.99 4.88
N THR A 161 -4.92 7.87 5.60
CA THR A 161 -3.82 7.35 6.42
C THR A 161 -2.60 6.95 5.59
N ILE A 162 -2.84 6.11 4.61
CA ILE A 162 -1.77 5.60 3.76
C ILE A 162 -1.16 6.77 2.97
N THR A 163 -2.01 7.68 2.48
CA THR A 163 -1.47 8.83 1.75
C THR A 163 -0.50 9.64 2.60
N PHE A 164 -0.87 9.86 3.85
CA PHE A 164 -0.07 10.64 4.80
C PHE A 164 1.24 9.96 5.08
N LEU A 165 1.19 8.67 5.36
CA LEU A 165 2.42 7.92 5.63
C LEU A 165 3.38 7.95 4.41
N LEU A 166 2.83 7.84 3.20
CA LEU A 166 3.64 7.88 1.96
C LEU A 166 4.33 9.21 1.82
N LYS A 167 3.57 10.28 2.06
CA LYS A 167 4.04 11.67 1.97
C LYS A 167 5.13 11.98 2.98
N LYS A 168 5.03 11.42 4.18
CA LYS A 168 6.06 11.57 5.21
C LYS A 168 7.16 10.49 5.09
N ASN A 169 7.13 9.66 4.06
CA ASN A 169 8.10 8.59 3.86
C ASN A 169 8.25 7.62 5.03
N GLN A 170 7.11 7.15 5.54
CA GLN A 170 7.07 6.25 6.65
C GLN A 170 6.74 4.87 6.14
N PRO A 171 7.20 3.83 6.85
CA PRO A 171 6.87 2.48 6.44
C PRO A 171 5.37 2.25 6.58
N ILE A 172 4.79 1.45 5.68
CA ILE A 172 3.37 1.14 5.73
C ILE A 172 3.19 -0.36 5.96
N TYR A 173 2.44 -0.68 7.01
CA TYR A 173 2.16 -2.04 7.41
C TYR A 173 1.38 -2.68 6.29
N PRO A 174 1.90 -3.77 5.72
CA PRO A 174 1.23 -4.40 4.56
C PRO A 174 -0.23 -4.83 4.77
N ASP A 175 -0.58 -5.32 5.96
CA ASP A 175 -1.97 -5.76 6.20
C ASP A 175 -2.95 -4.59 6.22
N THR A 176 -2.43 -3.38 6.41
CA THR A 176 -3.26 -2.17 6.27
C THR A 176 -3.68 -1.94 4.82
N LEU A 177 -2.73 -2.13 3.91
CA LEU A 177 -3.03 -2.08 2.49
C LEU A 177 -3.92 -3.26 2.10
N ALA A 178 -3.69 -4.44 2.67
CA ALA A 178 -4.53 -5.59 2.36
C ALA A 178 -5.95 -5.26 2.77
N THR A 179 -6.11 -4.54 3.89
CA THR A 179 -7.42 -4.11 4.36
C THR A 179 -8.11 -3.20 3.32
N TYR A 180 -7.41 -2.18 2.87
CA TYR A 180 -7.89 -1.30 1.81
C TYR A 180 -8.29 -2.08 0.58
N ASN A 181 -7.38 -2.91 0.11
CA ASN A 181 -7.67 -3.72 -1.10
C ASN A 181 -8.88 -4.63 -0.92
N GLN A 182 -8.98 -5.28 0.24
CA GLN A 182 -10.10 -6.19 0.47
C GLN A 182 -11.46 -5.47 0.45
N LEU A 183 -11.53 -4.34 1.12
CA LEU A 183 -12.74 -3.54 1.20
C LEU A 183 -13.05 -2.92 -0.11
N LEU A 184 -12.01 -2.50 -0.82
CA LEU A 184 -12.16 -1.94 -2.14
C LEU A 184 -12.73 -2.99 -3.06
N LEU A 185 -12.04 -4.14 -3.16
CA LEU A 185 -12.42 -5.20 -4.11
C LEU A 185 -13.81 -5.79 -3.80
N GLU A 186 -14.21 -5.83 -2.55
CA GLU A 186 -15.58 -6.24 -2.18
C GLU A 186 -16.57 -5.09 -2.45
N GLN A 187 -16.10 -3.85 -2.26
CA GLN A 187 -16.79 -2.54 -2.54
C GLN A 187 -17.22 -1.76 -1.26
N GLY B 1 21.45 -9.63 -27.33
CA GLY B 1 20.73 -8.43 -27.85
C GLY B 1 20.52 -8.38 -29.38
N MSE B 2 20.31 -7.15 -29.85
CA MSE B 2 20.06 -6.88 -31.26
C MSE B 2 20.23 -5.41 -31.61
O MSE B 2 20.24 -4.54 -30.75
CB MSE B 2 18.62 -7.33 -31.65
CG MSE B 2 17.47 -6.51 -31.03
SE MSE B 2 15.80 -7.09 -31.76
CE MSE B 2 16.13 -6.43 -33.47
N ASN B 3 20.31 -5.17 -32.91
CA ASN B 3 20.42 -3.82 -33.51
C ASN B 3 19.33 -2.87 -33.02
N ARG B 4 19.73 -1.66 -32.64
CA ARG B 4 18.80 -0.61 -32.13
C ARG B 4 17.70 -0.28 -33.12
N GLY B 5 18.09 0.01 -34.35
CA GLY B 5 17.13 0.39 -35.39
C GLY B 5 16.09 -0.65 -35.71
N LYS B 6 16.52 -1.91 -35.78
CA LYS B 6 15.62 -3.02 -36.02
C LYS B 6 14.71 -3.17 -34.80
N ALA B 7 15.25 -3.02 -33.61
CA ALA B 7 14.47 -3.13 -32.40
C ALA B 7 13.32 -2.08 -32.40
N LEU B 8 13.67 -0.83 -32.65
CA LEU B 8 12.66 0.24 -32.72
C LEU B 8 11.60 0.02 -33.81
N GLN B 9 12.05 -0.53 -34.93
CA GLN B 9 11.20 -0.86 -36.05
C GLN B 9 10.25 -2.00 -35.70
N LEU B 10 10.74 -2.96 -34.92
CA LEU B 10 9.88 -4.04 -34.46
C LEU B 10 8.82 -3.60 -33.46
N VAL B 11 9.16 -2.71 -32.53
CA VAL B 11 8.19 -2.31 -31.50
C VAL B 11 7.14 -1.33 -32.02
N LYS B 12 7.53 -0.47 -32.96
CA LYS B 12 6.67 0.64 -33.38
C LYS B 12 5.26 0.27 -33.85
N PRO B 13 5.09 -0.79 -34.62
CA PRO B 13 3.75 -1.20 -35.05
C PRO B 13 2.82 -1.63 -33.90
N HIS B 14 3.40 -1.87 -32.72
CA HIS B 14 2.65 -2.29 -31.54
C HIS B 14 2.33 -1.14 -30.62
N LEU B 15 2.67 0.07 -31.04
CA LEU B 15 2.55 1.25 -30.22
C LEU B 15 1.84 2.34 -30.98
N THR B 16 1.19 3.25 -30.25
CA THR B 16 0.65 4.46 -30.85
C THR B 16 1.89 5.40 -30.99
N GLU B 17 1.76 6.46 -31.76
CA GLU B 17 2.86 7.41 -31.88
C GLU B 17 3.29 7.95 -30.53
N HIS B 18 2.31 8.34 -29.69
CA HIS B 18 2.59 8.87 -28.35
C HIS B 18 3.40 7.91 -27.49
N ARG B 19 3.04 6.63 -27.51
CA ARG B 19 3.76 5.59 -26.79
C ARG B 19 5.14 5.26 -27.39
N TYR B 20 5.27 5.36 -28.71
CA TYR B 20 6.57 5.23 -29.38
C TYR B 20 7.50 6.32 -28.93
N GLN B 21 7.00 7.55 -28.91
CA GLN B 21 7.78 8.65 -28.38
C GLN B 21 8.19 8.47 -26.91
N HIS B 22 7.28 7.92 -26.10
CA HIS B 22 7.55 7.57 -24.71
C HIS B 22 8.71 6.61 -24.66
N THR B 23 8.65 5.59 -25.52
CA THR B 23 9.67 4.52 -25.58
C THR B 23 11.07 5.06 -25.90
N ILE B 24 11.16 5.96 -26.88
CA ILE B 24 12.42 6.67 -27.19
C ILE B 24 12.95 7.39 -25.96
N GLY B 25 12.05 8.04 -25.24
CA GLY B 25 12.41 8.75 -24.02
C GLY B 25 12.93 7.82 -22.96
N VAL B 26 12.24 6.69 -22.78
CA VAL B 26 12.67 5.72 -21.78
C VAL B 26 14.06 5.19 -22.17
N MSE B 27 14.23 4.89 -23.45
CA MSE B 27 15.49 4.41 -23.98
C MSE B 27 16.63 5.35 -23.70
O MSE B 27 17.69 4.96 -23.18
CB MSE B 27 15.38 4.20 -25.49
CG MSE B 27 16.64 3.62 -26.16
SE MSE B 27 16.49 3.66 -28.07
CE MSE B 27 16.51 5.57 -28.31
N GLU B 28 16.42 6.62 -24.04
CA GLU B 28 17.46 7.64 -23.82
C GLU B 28 17.79 7.79 -22.35
N THR B 29 16.75 7.82 -21.53
CA THR B 29 16.86 7.94 -20.09
C THR B 29 17.51 6.72 -19.46
N ALA B 30 17.15 5.53 -19.94
CA ALA B 30 17.72 4.31 -19.41
C ALA B 30 19.22 4.25 -19.70
N ILE B 31 19.61 4.70 -20.89
CA ILE B 31 21.02 4.70 -21.29
C ILE B 31 21.83 5.61 -20.37
N ASP B 32 21.33 6.82 -20.17
CA ASP B 32 21.92 7.80 -19.26
C ASP B 32 22.07 7.31 -17.83
N LEU B 33 21.02 6.68 -17.31
CA LEU B 33 21.09 6.09 -15.96
C LEU B 33 22.06 4.91 -15.92
N ALA B 34 22.11 4.14 -17.02
CA ALA B 34 23.05 3.02 -17.16
C ALA B 34 24.50 3.51 -17.12
N LYS B 35 24.76 4.63 -17.79
CA LYS B 35 26.09 5.24 -17.76
C LYS B 35 26.41 5.72 -16.37
N LEU B 36 25.46 6.43 -15.78
CA LEU B 36 25.64 7.03 -14.47
C LEU B 36 25.87 6.05 -13.34
N TYR B 37 25.22 4.88 -13.41
CA TYR B 37 25.26 3.91 -12.32
C TYR B 37 26.03 2.64 -12.64
N GLY B 38 26.71 2.62 -13.78
CA GLY B 38 27.50 1.47 -14.19
C GLY B 38 26.70 0.24 -14.62
N ALA B 39 25.53 0.45 -15.24
CA ALA B 39 24.75 -0.66 -15.81
C ALA B 39 25.17 -0.89 -17.26
N ASP B 40 24.88 -2.08 -17.78
CA ASP B 40 25.08 -2.39 -19.18
C ASP B 40 24.12 -1.52 -20.00
N GLN B 41 24.66 -0.58 -20.75
CA GLN B 41 23.86 0.35 -21.55
C GLN B 41 23.12 -0.31 -22.71
N GLN B 42 23.65 -1.39 -23.25
CA GLN B 42 22.99 -2.10 -24.35
C GLN B 42 21.75 -2.86 -23.84
N LYS B 43 21.85 -3.48 -22.67
CA LYS B 43 20.71 -4.21 -22.06
C LYS B 43 19.64 -3.21 -21.63
N ALA B 44 20.08 -2.05 -21.16
CA ALA B 44 19.19 -0.94 -20.76
C ALA B 44 18.43 -0.44 -21.98
N GLU B 45 19.18 -0.15 -23.03
CA GLU B 45 18.60 0.25 -24.32
C GLU B 45 17.53 -0.73 -24.82
N LEU B 46 17.88 -2.00 -24.89
CA LEU B 46 16.97 -3.01 -25.43
C LEU B 46 15.73 -3.19 -24.56
N ALA B 47 15.91 -3.29 -23.24
CA ALA B 47 14.79 -3.43 -22.32
C ALA B 47 13.85 -2.22 -22.46
N ALA B 48 14.42 -1.02 -22.57
CA ALA B 48 13.65 0.22 -22.77
C ALA B 48 12.78 0.17 -24.08
N ILE B 49 13.39 -0.28 -25.19
CA ILE B 49 12.70 -0.30 -26.50
C ILE B 49 11.44 -1.20 -26.41
N PHE B 50 11.58 -2.35 -25.77
CA PHE B 50 10.48 -3.34 -25.68
C PHE B 50 9.67 -3.35 -24.37
N HIS B 51 9.94 -2.43 -23.42
CA HIS B 51 9.23 -2.49 -22.12
C HIS B 51 7.71 -2.44 -22.28
N ASP B 52 7.20 -1.62 -23.20
CA ASP B 52 5.75 -1.47 -23.51
C ASP B 52 5.26 -2.21 -24.74
N TYR B 53 6.01 -3.25 -25.15
CA TYR B 53 5.68 -4.01 -26.34
C TYR B 53 4.24 -4.55 -26.27
N ALA B 54 3.82 -4.97 -25.07
CA ALA B 54 2.49 -5.54 -24.89
C ALA B 54 1.47 -4.54 -24.40
N LYS B 55 1.79 -3.24 -24.32
CA LYS B 55 0.87 -2.26 -23.77
C LYS B 55 -0.55 -2.31 -24.37
N PHE B 56 -0.63 -2.58 -25.67
CA PHE B 56 -1.92 -2.51 -26.37
C PHE B 56 -2.42 -3.84 -26.83
N ARG B 57 -1.86 -4.92 -26.27
CA ARG B 57 -2.35 -6.27 -26.60
C ARG B 57 -3.70 -6.52 -25.95
N ASP B 58 -4.38 -7.52 -26.48
CA ASP B 58 -5.69 -7.92 -26.02
C ASP B 58 -5.64 -8.35 -24.56
N LYS B 59 -6.44 -7.69 -23.74
CA LYS B 59 -6.46 -7.96 -22.32
C LYS B 59 -6.99 -9.34 -21.96
N ASN B 60 -7.97 -9.86 -22.68
CA ASN B 60 -8.43 -11.22 -22.38
C ASN B 60 -7.36 -12.25 -22.69
N GLU B 61 -6.61 -12.04 -23.78
CA GLU B 61 -5.53 -12.98 -24.16
C GLU B 61 -4.44 -12.93 -23.13
N MSE B 62 -4.17 -11.72 -22.66
CA MSE B 62 -3.16 -11.53 -21.62
C MSE B 62 -3.57 -12.17 -20.27
O MSE B 62 -2.74 -12.80 -19.63
CB MSE B 62 -2.85 -10.08 -21.47
CG MSE B 62 -2.04 -9.48 -22.60
SE MSE B 62 -0.98 -7.89 -22.24
CE MSE B 62 -2.42 -6.58 -22.19
N ARG B 63 -4.81 -12.02 -19.83
CA ARG B 63 -5.28 -12.67 -18.59
CA ARG B 63 -5.27 -12.67 -18.60
C ARG B 63 -5.21 -14.19 -18.74
N THR B 64 -5.55 -14.71 -19.92
CA THR B 64 -5.46 -16.16 -20.20
C THR B 64 -4.00 -16.63 -20.12
N LEU B 65 -3.08 -15.86 -20.70
CA LEU B 65 -1.64 -16.16 -20.67
C LEU B 65 -1.15 -16.27 -19.25
N ILE B 66 -1.54 -15.30 -18.42
CA ILE B 66 -1.16 -15.29 -16.99
CA ILE B 66 -1.12 -15.33 -17.01
C ILE B 66 -1.62 -16.58 -16.31
N ARG B 67 -2.91 -16.88 -16.46
CA ARG B 67 -3.55 -18.06 -15.89
C ARG B 67 -2.88 -19.33 -16.39
N GLU B 68 -2.79 -19.47 -17.71
CA GLU B 68 -2.29 -20.70 -18.33
C GLU B 68 -0.79 -20.93 -18.32
N LYS B 69 -0.01 -19.86 -18.42
CA LYS B 69 1.43 -20.01 -18.59
C LYS B 69 2.36 -19.29 -17.63
N LEU B 70 1.94 -18.21 -16.99
CA LEU B 70 2.87 -17.41 -16.19
C LEU B 70 2.71 -17.70 -14.68
N SER B 71 3.65 -17.15 -13.92
CA SER B 71 3.86 -17.45 -12.51
C SER B 71 2.93 -16.71 -11.53
N GLN B 72 3.05 -15.40 -11.41
CA GLN B 72 2.31 -14.62 -10.39
C GLN B 72 0.83 -14.42 -10.77
N GLN B 73 -0.04 -15.24 -10.22
CA GLN B 73 -1.48 -15.22 -10.52
C GLN B 73 -2.27 -14.10 -9.83
N ASP B 74 -1.71 -13.58 -8.75
CA ASP B 74 -2.36 -12.54 -7.96
C ASP B 74 -2.52 -11.24 -8.73
N ILE B 75 -1.69 -11.03 -9.75
CA ILE B 75 -1.76 -9.80 -10.52
C ILE B 75 -3.14 -9.59 -11.16
N LEU B 76 -3.86 -10.69 -11.38
CA LEU B 76 -5.17 -10.63 -12.00
C LEU B 76 -6.23 -9.86 -11.21
N PHE B 77 -5.98 -9.64 -9.92
CA PHE B 77 -6.89 -8.94 -9.02
C PHE B 77 -6.66 -7.45 -8.89
N TYR B 78 -5.53 -6.96 -9.39
CA TYR B 78 -5.10 -5.60 -9.07
C TYR B 78 -4.97 -4.63 -10.20
N GLY B 79 -5.69 -4.79 -11.30
CA GLY B 79 -5.71 -3.79 -12.35
C GLY B 79 -5.19 -4.27 -13.70
N ASP B 80 -5.91 -3.91 -14.75
CA ASP B 80 -5.49 -4.37 -16.06
C ASP B 80 -4.15 -3.80 -16.50
N GLU B 81 -3.72 -2.67 -15.95
CA GLU B 81 -2.42 -2.14 -16.36
C GLU B 81 -1.23 -3.01 -15.93
N LEU B 82 -1.49 -3.98 -15.05
CA LEU B 82 -0.45 -4.86 -14.56
C LEU B 82 -0.16 -6.02 -15.50
N LEU B 83 -0.96 -6.15 -16.54
CA LEU B 83 -0.79 -7.25 -17.45
C LEU B 83 0.42 -7.14 -18.38
N HIS B 84 0.59 -5.94 -18.94
CA HIS B 84 1.50 -5.77 -20.05
C HIS B 84 2.96 -6.01 -19.78
N ALA B 85 3.43 -5.67 -18.58
CA ALA B 85 4.85 -5.93 -18.20
C ALA B 85 5.20 -7.43 -18.23
N PRO B 86 4.49 -8.28 -17.46
CA PRO B 86 4.78 -9.71 -17.52
C PRO B 86 4.48 -10.37 -18.85
N CYS B 87 3.37 -10.01 -19.45
CA CYS B 87 2.99 -10.59 -20.74
C CYS B 87 3.92 -10.13 -21.83
N GLY B 88 4.42 -8.91 -21.75
CA GLY B 88 5.36 -8.38 -22.71
C GLY B 88 6.67 -9.12 -22.69
N ALA B 89 7.19 -9.39 -21.49
CA ALA B 89 8.44 -10.16 -21.34
C ALA B 89 8.28 -11.54 -21.97
N TYR B 90 7.10 -12.12 -21.81
CA TYR B 90 6.82 -13.41 -22.47
C TYR B 90 6.73 -13.23 -23.99
N TYR B 91 5.90 -12.30 -24.44
CA TYR B 91 5.70 -12.12 -25.88
C TYR B 91 6.98 -11.71 -26.62
N VAL B 92 7.85 -10.89 -26.04
CA VAL B 92 9.06 -10.48 -26.77
CA VAL B 92 9.07 -10.49 -26.76
C VAL B 92 10.00 -11.69 -26.92
N ARG B 93 10.08 -12.53 -25.89
CA ARG B 93 10.88 -13.75 -25.98
CA ARG B 93 10.85 -13.77 -25.98
C ARG B 93 10.33 -14.66 -27.09
N GLU B 94 9.02 -14.87 -27.10
CA GLU B 94 8.38 -15.76 -28.06
C GLU B 94 8.18 -15.27 -29.48
N GLU B 95 8.06 -13.95 -29.64
CA GLU B 95 7.79 -13.30 -30.93
C GLU B 95 8.97 -12.60 -31.60
N VAL B 96 9.96 -12.18 -30.80
CA VAL B 96 11.16 -11.48 -31.29
C VAL B 96 12.43 -12.33 -31.10
N GLY B 97 12.47 -13.11 -30.04
CA GLY B 97 13.62 -13.94 -29.76
C GLY B 97 14.56 -13.31 -28.78
N ILE B 98 14.11 -12.32 -28.00
CA ILE B 98 14.95 -11.76 -26.95
CA ILE B 98 14.94 -11.75 -26.94
C ILE B 98 14.97 -12.77 -25.82
N GLU B 99 16.14 -13.35 -25.54
CA GLU B 99 16.29 -14.35 -24.50
C GLU B 99 17.22 -13.92 -23.39
N ASP B 100 17.73 -12.69 -23.46
CA ASP B 100 18.52 -12.10 -22.41
C ASP B 100 17.62 -11.95 -21.21
N GLU B 101 17.86 -12.82 -20.25
CA GLU B 101 17.09 -12.90 -19.00
C GLU B 101 17.10 -11.60 -18.20
N ASP B 102 18.20 -10.86 -18.26
CA ASP B 102 18.31 -9.57 -17.58
C ASP B 102 17.35 -8.57 -18.19
N VAL B 103 17.35 -8.52 -19.53
CA VAL B 103 16.48 -7.61 -20.32
C VAL B 103 15.03 -7.95 -20.03
N LEU B 104 14.71 -9.24 -20.09
CA LEU B 104 13.33 -9.69 -19.84
C LEU B 104 12.85 -9.42 -18.46
N GLN B 105 13.74 -9.57 -17.47
CA GLN B 105 13.36 -9.31 -16.09
C GLN B 105 13.05 -7.82 -15.88
N ALA B 106 13.87 -6.94 -16.47
CA ALA B 106 13.66 -5.50 -16.39
C ALA B 106 12.30 -5.07 -17.00
N ILE B 107 11.91 -5.73 -18.09
CA ILE B 107 10.58 -5.50 -18.72
C ILE B 107 9.49 -6.01 -17.79
N ARG B 108 9.65 -7.24 -17.30
CA ARG B 108 8.68 -7.92 -16.43
C ARG B 108 8.27 -7.14 -15.19
N PHE B 109 9.18 -6.41 -14.57
CA PHE B 109 8.87 -5.68 -13.34
C PHE B 109 8.82 -4.17 -13.49
N HIS B 110 8.75 -3.66 -14.73
CA HIS B 110 8.80 -2.20 -14.93
C HIS B 110 7.56 -1.46 -14.44
N THR B 111 6.43 -2.17 -14.32
CA THR B 111 5.16 -1.57 -13.89
C THR B 111 5.06 -1.63 -12.33
N THR B 112 5.20 -2.80 -11.71
CA THR B 112 4.99 -2.93 -10.28
C THR B 112 6.22 -2.73 -9.43
N GLY B 113 7.39 -2.99 -10.00
CA GLY B 113 8.61 -3.08 -9.24
C GLY B 113 8.55 -4.38 -8.45
N ARG B 114 9.62 -4.66 -7.70
CA ARG B 114 9.63 -5.74 -6.73
C ARG B 114 10.69 -5.41 -5.69
N PRO B 115 10.55 -5.93 -4.48
CA PRO B 115 11.64 -5.76 -3.53
C PRO B 115 12.93 -6.34 -4.10
N ASN B 116 14.07 -5.74 -3.76
CA ASN B 116 15.40 -6.27 -4.14
C ASN B 116 15.60 -6.39 -5.64
N MSE B 117 15.22 -5.33 -6.34
CA MSE B 117 15.41 -5.24 -7.77
C MSE B 117 16.88 -5.17 -8.09
O MSE B 117 17.67 -4.62 -7.32
CB MSE B 117 14.74 -4.00 -8.35
CG MSE B 117 13.28 -4.13 -8.57
SE MSE B 117 12.52 -2.57 -9.47
CE MSE B 117 12.38 -1.44 -7.98
N SER B 118 17.24 -5.72 -9.25
CA SER B 118 18.58 -5.59 -9.80
C SER B 118 18.73 -4.17 -10.27
N LEU B 119 19.95 -3.71 -10.46
CA LEU B 119 20.23 -2.37 -10.98
C LEU B 119 19.49 -2.12 -12.31
N LEU B 120 19.52 -3.11 -13.20
CA LEU B 120 18.90 -2.94 -14.49
C LEU B 120 17.39 -2.77 -14.32
N GLU B 121 16.78 -3.59 -13.46
CA GLU B 121 15.34 -3.41 -13.18
C GLU B 121 14.99 -2.02 -12.69
N LYS B 122 15.82 -1.51 -11.78
CA LYS B 122 15.62 -0.17 -11.19
C LYS B 122 15.73 0.92 -12.24
N ILE B 123 16.72 0.79 -13.12
CA ILE B 123 16.93 1.74 -14.21
C ILE B 123 15.71 1.82 -15.15
N ILE B 124 15.14 0.68 -15.49
CA ILE B 124 14.01 0.67 -16.43
C ILE B 124 12.78 1.20 -15.67
N PHE B 125 12.62 0.74 -14.43
CA PHE B 125 11.49 1.22 -13.61
C PHE B 125 11.46 2.75 -13.54
N LEU B 126 12.58 3.32 -13.17
CA LEU B 126 12.69 4.76 -13.03
C LEU B 126 12.67 5.51 -14.36
N ALA B 127 13.38 5.00 -15.37
CA ALA B 127 13.42 5.64 -16.70
C ALA B 127 12.00 5.85 -17.20
N ASP B 128 11.17 4.83 -16.97
CA ASP B 128 9.76 4.83 -17.39
C ASP B 128 9.03 5.99 -16.75
N TYR B 129 9.33 6.24 -15.48
CA TYR B 129 8.68 7.28 -14.75
C TYR B 129 9.17 8.70 -15.10
N ILE B 130 10.48 8.88 -15.25
CA ILE B 130 11.10 10.23 -15.40
C ILE B 130 11.48 10.59 -16.82
N GLU B 131 11.16 9.74 -17.79
CA GLU B 131 11.49 10.10 -19.18
C GLU B 131 10.90 11.51 -19.55
N PRO B 132 11.58 12.25 -20.44
CA PRO B 132 11.27 13.67 -20.68
C PRO B 132 9.83 14.00 -21.07
N ASN B 133 9.13 13.08 -21.72
CA ASN B 133 7.75 13.37 -22.15
C ASN B 133 6.72 13.31 -21.04
N ARG B 134 7.09 12.79 -19.87
CA ARG B 134 6.14 12.64 -18.78
C ARG B 134 5.82 14.00 -18.16
N GLN B 135 4.56 14.19 -17.80
CA GLN B 135 4.11 15.42 -17.18
C GLN B 135 3.37 15.18 -15.88
N PHE B 136 3.74 14.13 -15.15
CA PHE B 136 3.13 13.90 -13.85
CA PHE B 136 3.20 13.86 -13.83
C PHE B 136 3.64 15.02 -12.90
N PRO B 137 2.77 15.46 -11.97
CA PRO B 137 3.20 16.55 -11.07
C PRO B 137 4.30 16.20 -10.08
N GLY B 138 5.37 17.01 -10.03
CA GLY B 138 6.53 16.74 -9.17
C GLY B 138 7.65 15.94 -9.85
N VAL B 139 7.48 15.63 -11.15
CA VAL B 139 8.47 14.86 -11.95
C VAL B 139 9.86 15.45 -12.00
N GLU B 140 9.92 16.76 -12.14
CA GLU B 140 11.16 17.51 -12.20
C GLU B 140 12.01 17.21 -10.95
N LYS B 141 11.38 17.23 -9.79
CA LYS B 141 12.09 16.94 -8.54
C LYS B 141 12.65 15.50 -8.59
N VAL B 142 11.85 14.57 -9.10
CA VAL B 142 12.28 13.17 -9.17
C VAL B 142 13.45 12.99 -10.16
N ARG B 143 13.38 13.71 -11.27
CA ARG B 143 14.45 13.75 -12.32
C ARG B 143 15.79 14.16 -11.71
N THR B 144 15.76 15.31 -11.05
CA THR B 144 16.90 15.86 -10.29
C THR B 144 17.38 14.87 -9.24
N GLN B 145 16.45 14.29 -8.50
CA GLN B 145 16.82 13.32 -7.48
C GLN B 145 17.56 12.13 -8.11
N ALA B 146 17.15 11.76 -9.32
CA ALA B 146 17.70 10.60 -10.05
C ALA B 146 19.19 10.75 -10.38
N LYS B 147 19.60 12.01 -10.55
CA LYS B 147 21.00 12.36 -10.84
C LYS B 147 21.97 11.98 -9.74
N THR B 148 21.48 11.89 -8.49
CA THR B 148 22.31 11.51 -7.38
C THR B 148 21.82 10.35 -6.52
N ASP B 149 20.54 9.95 -6.60
CA ASP B 149 19.98 8.99 -5.63
C ASP B 149 18.93 8.15 -6.33
N LEU B 150 19.38 7.01 -6.89
CA LEU B 150 18.54 6.12 -7.69
C LEU B 150 17.38 5.59 -6.84
N ASN B 151 17.72 4.98 -5.71
CA ASN B 151 16.71 4.41 -4.81
C ASN B 151 15.72 5.44 -4.29
N GLY B 152 16.23 6.62 -3.91
CA GLY B 152 15.38 7.71 -3.43
C GLY B 152 14.41 8.21 -4.48
N ALA B 153 14.92 8.31 -5.71
CA ALA B 153 14.09 8.68 -6.89
C ALA B 153 12.96 7.66 -7.11
N ILE B 154 13.32 6.39 -6.93
CA ILE B 154 12.35 5.29 -7.04
C ILE B 154 11.31 5.36 -5.90
N ILE B 155 11.77 5.60 -4.67
CA ILE B 155 10.88 5.80 -3.52
C ILE B 155 9.89 6.94 -3.83
N SER B 156 10.42 8.05 -4.30
CA SER B 156 9.60 9.22 -4.64
C SER B 156 8.55 8.93 -5.71
N SER B 157 8.93 8.11 -6.71
CA SER B 157 8.04 7.71 -7.80
CA SER B 157 8.00 7.77 -7.78
C SER B 157 6.91 6.82 -7.26
N LEU B 158 7.29 5.88 -6.39
CA LEU B 158 6.33 4.96 -5.76
C LEU B 158 5.30 5.75 -4.92
N VAL B 159 5.76 6.75 -4.20
CA VAL B 159 4.86 7.61 -3.39
C VAL B 159 3.83 8.29 -4.29
N ASN B 160 4.29 8.79 -5.41
CA ASN B 160 3.39 9.46 -6.34
C ASN B 160 2.39 8.51 -6.97
N THR B 161 2.88 7.34 -7.38
CA THR B 161 2.04 6.31 -7.98
C THR B 161 1.00 5.77 -7.00
N ILE B 162 1.45 5.35 -5.82
CA ILE B 162 0.55 4.76 -4.83
C ILE B 162 -0.48 5.81 -4.39
N THR B 163 -0.02 7.06 -4.23
CA THR B 163 -0.92 8.15 -3.85
C THR B 163 -2.02 8.32 -4.88
N PHE B 164 -1.63 8.30 -6.15
CA PHE B 164 -2.57 8.45 -7.25
C PHE B 164 -3.60 7.33 -7.24
N LEU B 165 -3.14 6.07 -7.13
CA LEU B 165 -4.08 4.93 -7.07
C LEU B 165 -5.08 5.05 -5.91
N LEU B 166 -4.59 5.39 -4.72
CA LEU B 166 -5.47 5.64 -3.56
C LEU B 166 -6.51 6.71 -3.84
N LYS B 167 -6.09 7.87 -4.37
CA LYS B 167 -7.01 8.95 -4.69
C LYS B 167 -8.05 8.42 -5.66
N LYS B 168 -7.63 7.65 -6.65
CA LYS B 168 -8.59 7.08 -7.59
C LYS B 168 -9.36 5.86 -7.07
N ASN B 169 -9.10 5.44 -5.84
CA ASN B 169 -9.74 4.26 -5.25
C ASN B 169 -9.58 3.07 -6.15
N GLN B 170 -8.36 2.84 -6.59
CA GLN B 170 -8.00 1.69 -7.41
C GLN B 170 -7.17 0.74 -6.50
N PRO B 171 -7.19 -0.56 -6.77
CA PRO B 171 -6.40 -1.46 -5.97
C PRO B 171 -4.93 -1.25 -6.19
N ILE B 172 -4.12 -1.61 -5.20
CA ILE B 172 -2.68 -1.40 -5.24
C ILE B 172 -2.01 -2.77 -5.04
N TYR B 173 -1.24 -3.20 -6.03
CA TYR B 173 -0.55 -4.48 -5.99
C TYR B 173 0.34 -4.52 -4.75
N PRO B 174 0.17 -5.56 -3.91
CA PRO B 174 0.94 -5.59 -2.68
C PRO B 174 2.45 -5.56 -2.80
N ASP B 175 2.99 -6.18 -3.85
CA ASP B 175 4.43 -6.16 -4.03
C ASP B 175 5.00 -4.74 -4.40
N THR B 176 4.15 -3.85 -4.87
CA THR B 176 4.56 -2.47 -5.09
C THR B 176 4.78 -1.76 -3.75
N LEU B 177 3.91 -1.96 -2.78
CA LEU B 177 4.16 -1.41 -1.46
C LEU B 177 5.39 -2.14 -0.86
N ALA B 178 5.60 -3.44 -1.11
CA ALA B 178 6.76 -4.14 -0.52
C ALA B 178 8.04 -3.55 -1.04
N THR B 179 8.02 -3.04 -2.29
CA THR B 179 9.18 -2.36 -2.90
C THR B 179 9.45 -1.05 -2.21
N TYR B 180 8.38 -0.31 -1.99
CA TYR B 180 8.53 0.97 -1.29
C TYR B 180 9.12 0.73 0.13
N ASN B 181 8.57 -0.22 0.86
CA ASN B 181 9.03 -0.48 2.22
C ASN B 181 10.44 -0.98 2.25
N GLN B 182 10.81 -1.80 1.28
CA GLN B 182 12.14 -2.42 1.24
C GLN B 182 13.18 -1.33 1.03
N LEU B 183 12.95 -0.48 0.04
CA LEU B 183 13.88 0.60 -0.30
C LEU B 183 13.96 1.65 0.78
N LEU B 184 12.82 1.95 1.38
CA LEU B 184 12.74 2.91 2.47
C LEU B 184 13.58 2.38 3.65
N LEU B 185 13.36 1.12 4.03
CA LEU B 185 14.13 0.49 5.13
C LEU B 185 15.60 0.38 4.81
N GLU B 186 15.95 0.30 3.53
CA GLU B 186 17.35 0.33 3.10
C GLU B 186 18.00 1.73 3.30
N GLN B 187 17.17 2.74 3.48
CA GLN B 187 17.53 4.15 3.82
C GLN B 187 17.75 4.96 2.56
FE FE C . -7.72 6.05 19.81
FE FE D . -5.03 3.76 19.15
P PO4 E . -4.65 7.09 18.83
O1 PO4 E . -3.79 8.17 19.41
O2 PO4 E . -4.19 5.70 19.25
O3 PO4 E . -6.09 7.32 19.32
O4 PO4 E . -4.53 7.36 17.35
O1 UNL F . -3.42 9.61 15.61
O2 UNL F . -3.48 8.37 14.83
O3 UNL F . -2.36 7.42 14.88
O4 UNL F . -2.21 6.47 13.83
O5 UNL F . -0.79 6.42 13.21
O6 UNL F . -0.54 5.30 12.31
O7 UNL F . -1.70 4.60 11.83
O8 UNL F . -1.29 3.54 10.96
O9 UNL F . -1.97 2.59 10.44
O10 UNL F . -1.33 1.80 9.69
O11 UNL F . -0.07 2.02 9.69
O12 UNL F . 0.92 1.32 8.92
O13 UNL F . 2.18 1.60 9.01
O14 UNL F . 2.83 2.48 9.72
O1 PG4 G . 0.31 7.71 33.31
C1 PG4 G . 0.36 7.78 31.85
C2 PG4 G . -0.03 9.18 31.38
O2 PG4 G . -0.90 9.73 32.38
C3 PG4 G . -1.15 11.10 32.20
C4 PG4 G . -2.55 11.42 32.67
O3 PG4 G . -2.60 11.41 34.08
C5 PG4 G . -3.91 11.72 34.57
C6 PG4 G . -3.87 11.84 36.09
O4 PG4 G . -5.14 11.54 36.63
O1 PG4 H . -24.75 7.58 12.99
C1 PG4 H . -23.43 7.31 13.49
C2 PG4 H . -22.32 7.83 12.60
O2 PG4 H . -21.91 9.11 13.07
C3 PG4 H . -20.68 9.56 12.50
C4 PG4 H . -20.34 10.93 13.05
O3 PG4 H . -21.42 11.82 12.71
C5 PG4 H . -21.12 13.22 12.79
C6 PG4 H . -22.21 13.98 13.55
O4 PG4 H . -23.50 13.54 13.14
O1 PG4 I . 11.16 6.26 7.78
C1 PG4 I . 12.09 7.23 7.25
C2 PG4 I . 11.53 8.65 7.36
O2 PG4 I . 12.16 9.52 6.42
C3 PG4 I . 11.64 10.87 6.43
C4 PG4 I . 12.13 11.63 5.20
O3 PG4 I . 11.16 12.63 4.82
C5 PG4 I . 11.34 13.18 3.49
C6 PG4 I . 10.00 13.57 2.87
O4 PG4 I . 9.04 13.77 3.89
O1 PG4 J . 4.83 17.15 10.42
C1 PG4 J . 6.01 16.34 10.36
C2 PG4 J . 7.02 16.98 9.41
O2 PG4 J . 7.15 16.20 8.22
C3 PG4 J . 7.58 17.01 7.11
C4 PG4 J . 7.96 16.17 5.89
O3 PG4 J . 6.84 15.94 5.02
C5 PG4 J . 6.66 16.75 3.85
C6 PG4 J . 5.30 17.45 3.91
O4 PG4 J . 4.24 16.50 4.06
O1 PG4 K . -8.68 9.35 38.04
C1 PG4 K . -9.30 10.64 38.21
C2 PG4 K . -8.58 11.69 37.34
O2 PG4 K . -8.62 11.31 35.96
C3 PG4 K . -8.15 12.30 35.04
C4 PG4 K . -8.92 12.16 33.73
O3 PG4 K . -10.19 12.80 33.81
C5 PG4 K . -10.21 14.12 33.26
C6 PG4 K . -11.44 14.83 33.83
O4 PG4 K . -12.62 14.09 33.51
FE FE L . 4.38 0.12 -19.11
FE FE M . 6.28 2.81 -20.31
N NO3 N . 18.89 -11.72 -27.21
O1 NO3 N . 18.51 -10.71 -26.31
O2 NO3 N . 20.05 -11.64 -27.99
O3 NO3 N . 18.13 -12.85 -27.35
O1B DGI O . 2.97 1.58 -19.49
PB DGI O . 3.04 3.02 -19.04
O2B DGI O . 4.16 3.74 -19.78
O3B DGI O . 1.74 3.73 -18.79
O3A DGI O . 3.62 2.92 -17.52
PA DGI O . 3.32 1.71 -16.44
O1A DGI O . 3.76 0.34 -16.94
O2A DGI O . 4.07 2.12 -15.17
O5' DGI O . 1.68 1.75 -16.27
C5' DGI O . 1.04 2.91 -15.72
C4' DGI O . -0.23 2.49 -14.97
O4' DGI O . 0.11 1.45 -14.06
C3' DGI O . -0.96 3.55 -14.14
O3' DGI O . -2.32 3.69 -14.56
C2' DGI O . -0.96 3.05 -12.70
C1' DGI O . -0.67 1.57 -12.89
N9 DGI O . 0.12 0.99 -11.79
C8 DGI O . 1.44 1.13 -11.56
N7 DGI O . 1.83 0.43 -10.44
C5 DGI O . 0.72 -0.15 -9.96
C4 DGI O . -0.39 0.23 -10.86
N3 DGI O . -1.65 -0.21 -10.65
C2 DGI O . -1.90 -1.01 -9.57
N2 DGI O . -3.16 -1.43 -9.36
N1 DGI O . -0.93 -1.38 -8.68
C6 DGI O . 0.36 -1.02 -8.82
O6 DGI O . 1.21 -1.39 -8.01
O1 PG4 P . -0.48 -8.31 -32.68
C1 PG4 P . 0.16 -9.59 -32.45
C2 PG4 P . 1.62 -9.36 -32.70
O2 PG4 P . 2.43 -10.47 -33.01
C3 PG4 P . 3.76 -10.07 -33.36
C4 PG4 P . 3.93 -9.86 -34.87
O3 PG4 P . 4.23 -8.51 -35.22
O1 PG4 Q . 21.43 11.09 -15.58
C1 PG4 Q . 20.12 10.82 -15.02
C2 PG4 Q . 19.03 11.41 -15.90
O2 PG4 Q . 18.10 12.25 -15.21
C3 PG4 Q . 17.16 12.85 -16.12
C4 PG4 Q . 16.68 14.23 -15.68
O3 PG4 Q . 17.25 15.32 -16.42
C5 PG4 Q . 16.73 16.59 -16.00
#